data_4JVR
#
_entry.id   4JVR
#
_cell.length_a   56.678
_cell.length_b   98.376
_cell.length_c   104.574
_cell.angle_alpha   90
_cell.angle_beta   90
_cell.angle_gamma   90
#
_symmetry.space_group_name_H-M   'C 2 2 21'
#
loop_
_entity.id
_entity.type
_entity.pdbx_description
1 polymer 'E3 ubiquitin-protein ligase Mdm2'
2 non-polymer "(2'S,3R,4'S,5'R)-N-(2-aminoethyl)-6-chloro-4'-(3-chloro-2-fluorophenyl)-2'-(2,2-dimethylpropyl)-2-oxo-1,2-dihydrospiro[indole-3,3'-pyrrolidine]-5'-carboxamide"
3 water water
#
_entity_poly.entity_id   1
_entity_poly.type   'polypeptide(L)'
_entity_poly.pdbx_seq_one_letter_code
;QIPASEQETLVRPKPLLLKLLKSVGAQKDTYTMKEVLFYLGQYIMTKRLYDEKQQHIVYCSNDLLGDLFGVPSFSVKEHR
KIYTMIYRNLVVVNGS
;
_entity_poly.pdbx_strand_id   A,C,E
#
loop_
_chem_comp.id
_chem_comp.type
_chem_comp.name
_chem_comp.formula
1MT non-polymer (2'S,3R,4'S,5'R)-N-(2-aminoethyl)-6-chloro-4'-(3-chloro-2-fluorophenyl)-2'-(2,2-dimethylpropyl)-2-oxo-1,2-dihydrospiro[indole-3,3'-pyrrolidine]-5'-carboxamide 'C25 H29 Cl2 F N4 O2'
#
# COMPACT_ATOMS: atom_id res chain seq x y z
N GLN A 1 -24.39 13.70 -13.41
CA GLN A 1 -24.52 13.14 -12.04
C GLN A 1 -23.59 11.92 -11.90
N ILE A 2 -22.97 11.52 -13.02
CA ILE A 2 -22.04 10.41 -13.19
C ILE A 2 -22.48 9.04 -12.73
N PRO A 3 -22.14 7.99 -13.48
CA PRO A 3 -22.57 6.65 -13.08
C PRO A 3 -21.59 5.97 -12.13
N ALA A 4 -22.15 5.18 -11.22
CA ALA A 4 -21.38 4.45 -10.22
C ALA A 4 -20.42 3.46 -10.88
N SER A 5 -20.77 3.01 -12.08
CA SER A 5 -19.97 2.04 -12.82
C SER A 5 -18.57 2.57 -13.15
N GLU A 6 -18.46 3.88 -13.31
CA GLU A 6 -17.21 4.55 -13.65
C GLU A 6 -16.12 4.28 -12.61
N GLN A 7 -16.51 4.22 -11.34
CA GLN A 7 -15.52 3.99 -10.31
C GLN A 7 -14.92 2.58 -10.35
N GLU A 8 -15.48 1.71 -11.20
CA GLU A 8 -14.98 0.34 -11.33
C GLU A 8 -13.98 0.17 -12.49
N THR A 9 -13.90 1.20 -13.31
CA THR A 9 -13.02 1.23 -14.46
C THR A 9 -11.57 0.89 -14.05
N LEU A 10 -10.92 0.02 -14.82
CA LEU A 10 -9.54 -0.37 -14.55
C LEU A 10 -8.62 0.51 -15.38
N VAL A 11 -7.56 1.00 -14.76
CA VAL A 11 -6.65 1.90 -15.45
C VAL A 11 -5.16 1.70 -15.16
N ARG A 12 -4.33 2.04 -16.16
CA ARG A 12 -2.87 1.95 -16.03
C ARG A 12 -2.34 3.37 -16.12
N PRO A 13 -1.96 3.96 -14.99
CA PRO A 13 -1.45 5.34 -15.00
C PRO A 13 -0.15 5.52 -15.76
N LYS A 14 -0.01 6.64 -16.45
CA LYS A 14 1.22 6.95 -17.16
C LYS A 14 2.24 7.34 -16.09
N PRO A 15 3.53 7.30 -16.43
CA PRO A 15 4.65 7.63 -15.52
C PRO A 15 4.52 8.77 -14.50
N LEU A 16 4.08 9.95 -14.92
CA LEU A 16 3.94 11.07 -13.99
C LEU A 16 2.87 10.84 -12.93
N LEU A 17 1.68 10.44 -13.37
CA LEU A 17 0.61 10.15 -12.43
C LEU A 17 1.04 8.98 -11.55
N LEU A 18 1.69 7.98 -12.13
CA LEU A 18 2.12 6.84 -11.30
C LEU A 18 3.06 7.38 -10.23
N LYS A 19 3.86 8.39 -10.57
CA LYS A 19 4.80 8.97 -9.62
C LYS A 19 4.07 9.61 -8.46
N LEU A 20 2.97 10.35 -8.72
CA LEU A 20 2.20 10.99 -7.65
C LEU A 20 1.58 9.93 -6.73
N LEU A 21 0.96 8.92 -7.33
CA LEU A 21 0.29 7.87 -6.57
C LEU A 21 1.21 7.15 -5.61
N LYS A 22 2.44 6.88 -6.06
CA LYS A 22 3.42 6.18 -5.24
C LYS A 22 3.84 6.90 -3.98
N SER A 23 3.41 8.15 -3.86
CA SER A 23 3.78 8.97 -2.71
C SER A 23 2.81 8.91 -1.56
N VAL A 24 1.70 8.26 -1.82
CA VAL A 24 0.67 8.10 -0.80
C VAL A 24 0.51 6.60 -0.59
N GLY A 25 1.48 5.84 -1.10
CA GLY A 25 1.48 4.39 -0.92
C GLY A 25 1.22 3.43 -2.06
N ALA A 26 0.61 3.90 -3.14
CA ALA A 26 0.29 3.04 -4.27
C ALA A 26 1.53 2.23 -4.67
N GLN A 27 1.31 0.99 -5.09
CA GLN A 27 2.41 0.12 -5.45
C GLN A 27 2.05 -0.80 -6.60
N LYS A 28 0.97 -0.46 -7.32
CA LYS A 28 0.43 -1.28 -8.41
C LYS A 28 0.64 -0.73 -9.83
N ASP A 29 0.47 -1.62 -10.82
CA ASP A 29 0.57 -1.28 -12.25
C ASP A 29 -0.78 -0.83 -12.74
N THR A 30 -1.81 -1.49 -12.22
CA THR A 30 -3.16 -1.22 -12.63
C THR A 30 -4.02 -0.97 -11.40
N TYR A 31 -4.87 0.03 -11.52
CA TYR A 31 -5.76 0.46 -10.45
C TYR A 31 -7.21 0.54 -10.92
N THR A 32 -8.12 0.68 -9.96
CA THR A 32 -9.52 0.90 -10.29
C THR A 32 -9.61 2.42 -10.15
N MET A 33 -10.53 3.05 -10.85
CA MET A 33 -10.66 4.49 -10.69
C MET A 33 -10.94 4.87 -9.21
N LYS A 34 -11.64 4.03 -8.46
CA LYS A 34 -11.92 4.34 -7.07
C LYS A 34 -10.56 4.54 -6.37
N GLU A 35 -9.63 3.64 -6.61
CA GLU A 35 -8.31 3.76 -5.98
C GLU A 35 -7.58 5.03 -6.39
N VAL A 36 -7.65 5.34 -7.68
CA VAL A 36 -7.00 6.53 -8.19
C VAL A 36 -7.54 7.82 -7.55
N LEU A 37 -8.86 7.92 -7.42
CA LEU A 37 -9.47 9.09 -6.82
C LEU A 37 -9.13 9.18 -5.34
N PHE A 38 -9.06 8.04 -4.67
CA PHE A 38 -8.73 8.06 -3.25
C PHE A 38 -7.28 8.48 -3.03
N TYR A 39 -6.37 7.88 -3.78
CA TYR A 39 -4.96 8.23 -3.63
C TYR A 39 -4.67 9.69 -4.01
N LEU A 40 -5.31 10.19 -5.07
CA LEU A 40 -5.10 11.59 -5.47
C LEU A 40 -5.69 12.48 -4.39
N GLY A 41 -6.82 12.06 -3.84
CA GLY A 41 -7.48 12.79 -2.78
C GLY A 41 -6.62 12.91 -1.53
N GLN A 42 -5.81 11.91 -1.23
CA GLN A 42 -4.97 11.97 -0.06
C GLN A 42 -3.76 12.84 -0.41
N TYR A 43 -3.40 12.84 -1.69
CA TYR A 43 -2.28 13.63 -2.17
C TYR A 43 -2.66 15.10 -1.93
N ILE A 44 -3.93 15.43 -2.21
CA ILE A 44 -4.46 16.78 -2.04
C ILE A 44 -4.61 17.22 -0.57
N MET A 45 -5.05 16.34 0.32
CA MET A 45 -5.21 16.76 1.70
C MET A 45 -3.89 16.82 2.47
N THR A 46 -3.09 15.77 2.33
CA THR A 46 -1.80 15.70 3.04
C THR A 46 -0.91 16.85 2.64
N LYS A 47 -1.28 17.48 1.55
CA LYS A 47 -0.38 18.50 1.04
C LYS A 47 -1.08 19.86 0.94
N ARG A 48 -2.21 19.94 1.67
CA ARG A 48 -3.12 21.10 1.86
C ARG A 48 -3.44 22.01 0.68
N LEU A 49 -3.60 21.41 -0.49
CA LEU A 49 -3.92 22.17 -1.70
C LEU A 49 -5.42 22.42 -1.68
N TYR A 50 -6.08 21.92 -0.65
CA TYR A 50 -7.53 22.13 -0.52
C TYR A 50 -7.99 22.29 0.93
N ASP A 51 -8.97 23.16 1.17
CA ASP A 51 -9.56 23.42 2.47
C ASP A 51 -10.97 23.95 2.19
N HIS A 56 -14.02 25.81 -2.24
CA HIS A 56 -13.93 24.38 -2.57
C HIS A 56 -13.01 24.22 -3.77
N ILE A 57 -11.94 24.99 -3.78
CA ILE A 57 -11.00 24.93 -4.89
C ILE A 57 -9.70 24.25 -4.48
N VAL A 58 -9.10 23.56 -5.43
CA VAL A 58 -7.83 22.88 -5.21
C VAL A 58 -6.80 23.72 -5.93
N TYR A 59 -5.72 24.06 -5.22
CA TYR A 59 -4.61 24.89 -5.70
C TYR A 59 -3.36 24.08 -5.94
N CYS A 60 -2.98 23.92 -7.20
CA CYS A 60 -1.83 23.10 -7.57
C CYS A 60 -0.90 23.76 -8.59
N SER A 61 -0.93 25.09 -8.67
CA SER A 61 -0.07 25.75 -9.64
C SER A 61 1.41 25.58 -9.34
N ASN A 62 1.76 25.21 -8.12
CA ASN A 62 3.17 25.06 -7.84
C ASN A 62 3.53 23.61 -7.52
N ASP A 63 2.67 22.69 -7.98
CA ASP A 63 2.84 21.23 -7.73
C ASP A 63 2.79 20.35 -9.01
N LEU A 64 3.27 19.11 -9.00
CA LEU A 64 3.21 18.36 -10.22
C LEU A 64 1.73 18.09 -10.49
N LEU A 65 0.85 18.14 -9.49
CA LEU A 65 -0.57 17.90 -9.79
C LEU A 65 -0.97 18.93 -10.82
N GLY A 66 -0.54 20.17 -10.59
CA GLY A 66 -0.84 21.26 -11.52
C GLY A 66 -0.29 20.98 -12.91
N ASP A 67 0.90 20.39 -12.93
CA ASP A 67 1.52 20.01 -14.18
C ASP A 67 0.73 18.89 -14.88
N LEU A 68 0.32 17.87 -14.13
CA LEU A 68 -0.42 16.75 -14.71
C LEU A 68 -1.80 17.19 -15.22
N PHE A 69 -2.43 18.14 -14.54
CA PHE A 69 -3.77 18.56 -14.96
C PHE A 69 -3.81 19.69 -15.98
N GLY A 70 -2.73 20.44 -16.09
CA GLY A 70 -2.68 21.55 -17.03
C GLY A 70 -3.41 22.79 -16.56
N VAL A 71 -3.73 22.86 -15.26
CA VAL A 71 -4.41 24.02 -14.70
C VAL A 71 -3.76 24.45 -13.41
N PRO A 72 -3.89 25.75 -13.06
CA PRO A 72 -3.30 26.26 -11.82
C PRO A 72 -4.23 25.95 -10.65
N SER A 73 -5.49 25.65 -10.96
CA SER A 73 -6.48 25.28 -9.95
C SER A 73 -7.71 24.64 -10.60
N PHE A 74 -8.63 24.17 -9.77
CA PHE A 74 -9.86 23.56 -10.26
C PHE A 74 -10.84 23.35 -9.12
N SER A 75 -12.12 23.40 -9.44
CA SER A 75 -13.15 23.22 -8.44
C SER A 75 -13.47 21.77 -8.21
N VAL A 76 -13.45 21.38 -6.94
CA VAL A 76 -13.77 20.02 -6.59
C VAL A 76 -15.22 19.66 -6.96
N LYS A 77 -16.07 20.60 -7.31
CA LYS A 77 -17.40 20.21 -7.66
C LYS A 77 -17.46 19.79 -9.14
N GLU A 78 -16.50 20.20 -9.97
CA GLU A 78 -16.55 19.85 -11.39
C GLU A 78 -16.01 18.45 -11.64
N HIS A 79 -16.81 17.43 -11.34
CA HIS A 79 -16.41 16.04 -11.52
C HIS A 79 -16.14 15.54 -12.93
N ARG A 80 -16.94 15.99 -13.90
CA ARG A 80 -16.75 15.54 -15.27
C ARG A 80 -15.40 16.04 -15.76
N LYS A 81 -15.06 17.28 -15.37
CA LYS A 81 -13.80 17.94 -15.73
C LYS A 81 -12.60 17.24 -15.10
N ILE A 82 -12.75 16.91 -13.83
CA ILE A 82 -11.68 16.23 -13.10
C ILE A 82 -11.43 14.89 -13.77
N TYR A 83 -12.52 14.20 -14.10
CA TYR A 83 -12.39 12.90 -14.75
C TYR A 83 -11.62 13.02 -16.07
N THR A 84 -11.92 14.06 -16.83
CA THR A 84 -11.22 14.23 -18.09
C THR A 84 -9.75 14.51 -17.87
N MET A 85 -9.41 15.31 -16.85
CA MET A 85 -8.00 15.61 -16.60
C MET A 85 -7.22 14.37 -16.18
N ILE A 86 -7.87 13.48 -15.45
CA ILE A 86 -7.23 12.26 -14.97
C ILE A 86 -7.00 11.25 -16.10
N TYR A 87 -7.95 11.14 -17.02
CA TYR A 87 -7.81 10.19 -18.13
C TYR A 87 -6.68 10.57 -19.09
N ARG A 88 -6.27 11.83 -19.08
CA ARG A 88 -5.17 12.23 -19.95
C ARG A 88 -3.87 11.66 -19.42
N ASN A 89 -3.90 11.21 -18.17
CA ASN A 89 -2.71 10.66 -17.56
C ASN A 89 -2.79 9.16 -17.30
N LEU A 90 -3.64 8.48 -18.05
CA LEU A 90 -3.81 7.04 -17.88
C LEU A 90 -4.34 6.36 -19.15
N VAL A 91 -4.31 5.03 -19.15
CA VAL A 91 -4.79 4.20 -20.25
C VAL A 91 -5.75 3.18 -19.66
N VAL A 92 -6.95 3.05 -20.23
CA VAL A 92 -7.93 2.11 -19.68
C VAL A 92 -7.57 0.66 -19.97
N VAL A 93 -7.94 -0.23 -19.05
CA VAL A 93 -7.68 -1.65 -19.19
C VAL A 93 -8.98 -2.39 -19.43
N GLN B 1 14.11 -23.79 14.36
CA GLN B 1 13.47 -23.57 13.05
C GLN B 1 13.33 -22.10 12.61
N ILE B 2 12.31 -21.85 11.81
CA ILE B 2 12.11 -20.53 11.30
C ILE B 2 11.26 -19.68 12.20
N PRO B 3 11.68 -18.42 12.36
CA PRO B 3 10.96 -17.46 13.20
C PRO B 3 9.72 -17.00 12.46
N ALA B 4 8.68 -16.64 13.22
CA ALA B 4 7.45 -16.17 12.63
C ALA B 4 7.74 -14.85 11.93
N SER B 5 8.67 -14.08 12.50
CA SER B 5 9.05 -12.77 11.99
C SER B 5 9.48 -12.73 10.53
N GLU B 6 10.00 -13.86 10.02
CA GLU B 6 10.47 -13.91 8.63
C GLU B 6 9.38 -13.58 7.61
N GLN B 7 8.15 -13.98 7.90
CA GLN B 7 7.06 -13.71 6.98
C GLN B 7 6.71 -12.25 6.84
N GLU B 8 7.20 -11.44 7.77
CA GLU B 8 6.91 -10.00 7.75
C GLU B 8 7.98 -9.25 6.95
N THR B 9 9.06 -9.95 6.64
CA THR B 9 10.18 -9.37 5.90
C THR B 9 9.69 -8.73 4.59
N LEU B 10 10.10 -7.48 4.36
CA LEU B 10 9.71 -6.75 3.16
C LEU B 10 10.75 -6.92 2.06
N VAL B 11 10.30 -7.21 0.85
CA VAL B 11 11.21 -7.47 -0.26
C VAL B 11 10.83 -6.90 -1.64
N ARG B 12 11.84 -6.72 -2.49
CA ARG B 12 11.66 -6.22 -3.86
C ARG B 12 12.14 -7.30 -4.82
N PRO B 13 11.21 -8.04 -5.42
CA PRO B 13 11.61 -9.09 -6.34
C PRO B 13 12.37 -8.59 -7.57
N LYS B 14 13.33 -9.39 -8.02
CA LYS B 14 14.09 -9.05 -9.21
C LYS B 14 13.20 -9.35 -10.39
N PRO B 15 13.56 -8.87 -11.59
CA PRO B 15 12.78 -9.09 -12.82
C PRO B 15 12.16 -10.46 -13.12
N LEU B 16 12.94 -11.53 -13.09
CA LEU B 16 12.37 -12.84 -13.40
C LEU B 16 11.37 -13.33 -12.34
N LEU B 17 11.69 -13.12 -11.07
CA LEU B 17 10.77 -13.51 -10.00
C LEU B 17 9.51 -12.65 -10.08
N LEU B 18 9.68 -11.37 -10.35
CA LEU B 18 8.52 -10.49 -10.44
C LEU B 18 7.65 -10.96 -11.61
N LYS B 19 8.30 -11.45 -12.67
CA LYS B 19 7.59 -11.91 -13.86
C LYS B 19 6.60 -12.99 -13.48
N LEU B 20 7.09 -13.99 -12.73
CA LEU B 20 6.27 -15.11 -12.28
C LEU B 20 5.14 -14.67 -11.36
N LEU B 21 5.46 -13.85 -10.35
CA LEU B 21 4.45 -13.39 -9.42
C LEU B 21 3.31 -12.69 -10.13
N LYS B 22 3.63 -11.87 -11.13
CA LYS B 22 2.59 -11.16 -11.86
C LYS B 22 1.75 -12.08 -12.76
N SER B 23 2.14 -13.36 -12.85
CA SER B 23 1.43 -14.32 -13.67
C SER B 23 0.26 -14.89 -12.86
N VAL B 24 0.38 -14.86 -11.55
CA VAL B 24 -0.68 -15.34 -10.68
C VAL B 24 -1.39 -14.16 -10.04
N GLY B 25 -1.28 -13.01 -10.70
CA GLY B 25 -1.96 -11.80 -10.25
C GLY B 25 -1.21 -10.73 -9.51
N ALA B 26 -0.03 -11.03 -8.97
CA ALA B 26 0.71 -9.98 -8.25
C ALA B 26 0.58 -8.69 -9.05
N GLN B 27 0.70 -7.55 -8.38
CA GLN B 27 0.54 -6.27 -9.06
C GLN B 27 1.53 -5.25 -8.53
N LYS B 28 2.26 -5.62 -7.48
CA LYS B 28 3.20 -4.72 -6.83
C LYS B 28 4.69 -4.91 -7.07
N ASP B 29 5.47 -3.96 -6.57
CA ASP B 29 6.91 -4.02 -6.69
C ASP B 29 7.58 -4.27 -5.34
N THR B 30 6.82 -4.14 -4.26
CA THR B 30 7.37 -4.48 -2.97
C THR B 30 6.32 -5.33 -2.25
N TYR B 31 6.78 -6.45 -1.73
CA TYR B 31 5.96 -7.43 -1.07
C TYR B 31 6.49 -7.83 0.30
N THR B 32 5.64 -8.53 1.04
CA THR B 32 6.03 -9.10 2.32
C THR B 32 6.39 -10.53 1.90
N MET B 33 7.22 -11.22 2.68
CA MET B 33 7.56 -12.59 2.32
C MET B 33 6.32 -13.48 2.34
N LYS B 34 5.37 -13.17 3.21
CA LYS B 34 4.13 -13.94 3.29
C LYS B 34 3.48 -13.92 1.91
N GLU B 35 3.40 -12.73 1.31
CA GLU B 35 2.82 -12.56 -0.03
C GLU B 35 3.60 -13.35 -1.09
N VAL B 36 4.92 -13.30 -1.01
CA VAL B 36 5.74 -14.03 -1.96
C VAL B 36 5.52 -15.55 -1.88
N LEU B 37 5.49 -16.08 -0.67
CA LEU B 37 5.27 -17.51 -0.50
C LEU B 37 3.89 -17.93 -1.02
N PHE B 38 2.89 -17.07 -0.81
CA PHE B 38 1.55 -17.39 -1.29
C PHE B 38 1.48 -17.38 -2.82
N TYR B 39 1.98 -16.32 -3.43
CA TYR B 39 1.94 -16.23 -4.89
C TYR B 39 2.72 -17.34 -5.56
N LEU B 40 3.90 -17.68 -5.04
CA LEU B 40 4.69 -18.76 -5.63
C LEU B 40 3.96 -20.08 -5.50
N GLY B 41 3.35 -20.29 -4.33
CA GLY B 41 2.59 -21.50 -4.08
C GLY B 41 1.49 -21.66 -5.11
N GLN B 42 0.79 -20.55 -5.40
CA GLN B 42 -0.28 -20.60 -6.39
C GLN B 42 0.29 -20.87 -7.77
N TYR B 43 1.54 -20.47 -7.99
CA TYR B 43 2.18 -20.73 -9.27
C TYR B 43 2.44 -22.24 -9.30
N ILE B 44 3.02 -22.75 -8.21
CA ILE B 44 3.32 -24.16 -8.12
C ILE B 44 2.13 -25.09 -8.31
N MET B 45 1.07 -24.96 -7.50
CA MET B 45 -0.02 -25.89 -7.73
C MET B 45 -0.88 -25.52 -8.92
N THR B 46 -0.89 -24.25 -9.32
CA THR B 46 -1.64 -23.86 -10.50
C THR B 46 -1.00 -24.61 -11.72
N LYS B 47 0.32 -24.81 -11.70
CA LYS B 47 1.03 -25.51 -12.78
C LYS B 47 1.29 -26.98 -12.45
N ARG B 48 0.64 -27.47 -11.39
CA ARG B 48 0.77 -28.86 -10.94
C ARG B 48 2.20 -29.39 -10.87
N LEU B 49 3.12 -28.52 -10.49
CA LEU B 49 4.50 -28.92 -10.36
C LEU B 49 4.57 -29.66 -9.03
N TYR B 50 3.41 -29.74 -8.38
CA TYR B 50 3.27 -30.39 -7.08
C TYR B 50 2.02 -31.26 -6.93
N ASP B 51 2.17 -32.38 -6.20
CA ASP B 51 1.08 -33.31 -5.93
C ASP B 51 -0.22 -32.55 -5.86
N HIS B 56 6.79 -35.35 -1.03
CA HIS B 56 6.40 -34.00 -1.49
C HIS B 56 7.57 -33.29 -2.13
N ILE B 57 7.54 -33.28 -3.45
CA ILE B 57 8.58 -32.66 -4.22
C ILE B 57 7.94 -31.80 -5.27
N VAL B 58 8.61 -30.71 -5.60
CA VAL B 58 8.15 -29.79 -6.61
C VAL B 58 9.13 -29.98 -7.76
N TYR B 59 8.61 -30.27 -8.94
CA TYR B 59 9.43 -30.49 -10.13
C TYR B 59 9.38 -29.24 -10.98
N CYS B 60 10.55 -28.66 -11.25
CA CYS B 60 10.63 -27.43 -12.01
C CYS B 60 11.71 -27.47 -13.09
N SER B 61 12.17 -28.68 -13.44
CA SER B 61 13.23 -28.81 -14.44
C SER B 61 12.96 -28.18 -15.79
N ASN B 62 11.71 -28.16 -16.24
CA ASN B 62 11.45 -27.56 -17.54
C ASN B 62 10.72 -26.23 -17.41
N ASP B 63 10.58 -25.78 -16.16
CA ASP B 63 9.80 -24.58 -15.80
C ASP B 63 10.65 -23.34 -15.38
N LEU B 64 10.21 -22.11 -15.60
CA LEU B 64 11.05 -20.99 -15.23
C LEU B 64 11.42 -21.04 -13.75
N LEU B 65 10.53 -21.57 -12.92
CA LEU B 65 10.82 -21.63 -11.48
C LEU B 65 12.19 -22.32 -11.36
N GLY B 66 12.36 -23.42 -12.08
CA GLY B 66 13.63 -24.16 -12.09
C GLY B 66 14.79 -23.24 -12.43
N ASP B 67 14.59 -22.38 -13.41
CA ASP B 67 15.63 -21.43 -13.79
C ASP B 67 15.89 -20.51 -12.58
N LEU B 68 14.82 -19.99 -12.01
CA LEU B 68 14.93 -19.08 -10.89
C LEU B 68 15.61 -19.68 -9.66
N PHE B 69 15.33 -20.94 -9.40
CA PHE B 69 15.91 -21.59 -8.24
C PHE B 69 17.25 -22.27 -8.50
N GLY B 70 17.49 -22.68 -9.74
CA GLY B 70 18.74 -23.35 -10.05
C GLY B 70 18.71 -24.83 -9.73
N VAL B 71 17.50 -25.39 -9.59
CA VAL B 71 17.36 -26.81 -9.32
C VAL B 71 16.25 -27.40 -10.18
N PRO B 72 16.36 -28.69 -10.51
CA PRO B 72 15.36 -29.39 -11.32
C PRO B 72 14.15 -29.76 -10.46
N SER B 73 14.38 -29.84 -9.15
CA SER B 73 13.33 -30.16 -8.17
C SER B 73 13.78 -29.81 -6.75
N PHE B 74 12.86 -29.94 -5.79
CA PHE B 74 13.17 -29.67 -4.38
C PHE B 74 12.05 -30.11 -3.46
N SER B 75 12.41 -30.38 -2.21
CA SER B 75 11.46 -30.80 -1.18
C SER B 75 10.77 -29.60 -0.54
N VAL B 76 9.43 -29.63 -0.53
CA VAL B 76 8.60 -28.57 0.05
C VAL B 76 8.84 -28.54 1.56
N LYS B 77 9.53 -29.57 2.08
CA LYS B 77 9.83 -29.70 3.52
C LYS B 77 11.04 -28.88 3.94
N GLU B 78 11.97 -28.67 3.00
CA GLU B 78 13.20 -27.93 3.24
C GLU B 78 12.99 -26.41 3.18
N HIS B 79 12.35 -25.84 4.19
CA HIS B 79 12.06 -24.41 4.18
C HIS B 79 13.26 -23.47 4.20
N ARG B 80 14.29 -23.79 4.99
CA ARG B 80 15.48 -22.94 5.02
C ARG B 80 16.09 -22.85 3.63
N LYS B 81 16.13 -23.99 2.92
CA LYS B 81 16.69 -24.05 1.58
C LYS B 81 15.81 -23.25 0.62
N ILE B 82 14.50 -23.35 0.80
CA ILE B 82 13.57 -22.64 -0.06
C ILE B 82 13.76 -21.13 0.12
N TYR B 83 13.85 -20.70 1.37
CA TYR B 83 14.07 -19.28 1.63
C TYR B 83 15.35 -18.79 0.97
N THR B 84 16.38 -19.60 1.04
CA THR B 84 17.65 -19.23 0.43
C THR B 84 17.50 -19.09 -1.08
N MET B 85 16.75 -19.98 -1.70
CA MET B 85 16.57 -19.91 -3.14
C MET B 85 15.78 -18.68 -3.54
N ILE B 86 14.81 -18.30 -2.71
CA ILE B 86 13.99 -17.13 -3.02
C ILE B 86 14.76 -15.82 -2.86
N TYR B 87 15.55 -15.74 -1.80
CA TYR B 87 16.35 -14.54 -1.57
C TYR B 87 17.35 -14.26 -2.70
N ARG B 88 17.73 -15.28 -3.47
CA ARG B 88 18.65 -15.10 -4.59
C ARG B 88 17.92 -14.24 -5.64
N ASN B 89 16.60 -14.23 -5.57
CA ASN B 89 15.81 -13.50 -6.55
C ASN B 89 15.10 -12.25 -6.03
N LEU B 90 15.60 -11.68 -4.93
CA LEU B 90 14.98 -10.49 -4.35
C LEU B 90 15.95 -9.61 -3.56
N VAL B 91 15.51 -8.41 -3.24
CA VAL B 91 16.28 -7.46 -2.46
C VAL B 91 15.43 -7.02 -1.27
N VAL B 92 15.94 -7.23 -0.06
CA VAL B 92 15.22 -6.87 1.16
C VAL B 92 15.08 -5.35 1.28
N VAL B 93 13.97 -4.90 1.83
CA VAL B 93 13.75 -3.48 2.06
C VAL B 93 14.08 -3.27 3.52
N ILE C 2 -13.01 4.21 0.79
CA ILE C 2 -11.59 3.83 0.94
C ILE C 2 -11.35 2.44 0.40
N PRO C 3 -10.41 2.31 -0.57
CA PRO C 3 -10.10 1.02 -1.18
C PRO C 3 -9.33 0.12 -0.23
N ALA C 4 -9.56 -1.18 -0.35
CA ALA C 4 -8.88 -2.15 0.50
C ALA C 4 -7.37 -1.97 0.43
N SER C 5 -6.87 -1.81 -0.79
CA SER C 5 -5.45 -1.64 -1.07
C SER C 5 -4.65 -0.71 -0.14
N GLU C 6 -5.32 0.31 0.39
CA GLU C 6 -4.66 1.28 1.28
C GLU C 6 -4.03 0.63 2.52
N GLN C 7 -4.68 -0.37 3.07
CA GLN C 7 -4.13 -0.97 4.27
C GLN C 7 -2.85 -1.80 4.02
N GLU C 8 -2.47 -1.92 2.76
CA GLU C 8 -1.26 -2.68 2.42
C GLU C 8 -0.09 -1.70 2.25
N THR C 9 -0.40 -0.41 2.18
CA THR C 9 0.60 0.65 2.02
C THR C 9 1.71 0.51 3.06
N LEU C 10 2.96 0.53 2.61
CA LEU C 10 4.12 0.41 3.49
C LEU C 10 4.56 1.79 3.96
N VAL C 11 4.82 1.93 5.26
CA VAL C 11 5.19 3.22 5.81
C VAL C 11 6.29 3.21 6.86
N ARG C 12 6.96 4.37 6.98
CA ARG C 12 8.03 4.61 7.94
C ARG C 12 7.61 5.72 8.90
N PRO C 13 7.08 5.36 10.07
CA PRO C 13 6.65 6.36 11.06
C PRO C 13 7.76 7.33 11.49
N LYS C 14 7.41 8.59 11.66
CA LYS C 14 8.38 9.56 12.11
C LYS C 14 8.50 9.34 13.61
N PRO C 15 9.59 9.81 14.22
CA PRO C 15 9.86 9.67 15.65
C PRO C 15 8.70 9.62 16.67
N LEU C 16 7.77 10.56 16.67
CA LEU C 16 6.72 10.45 17.68
C LEU C 16 5.64 9.42 17.44
N LEU C 17 5.23 9.18 16.19
CA LEU C 17 4.23 8.13 15.97
C LEU C 17 4.91 6.84 16.38
N LEU C 18 6.20 6.75 16.09
CA LEU C 18 6.96 5.55 16.42
C LEU C 18 7.02 5.36 17.95
N LYS C 19 7.21 6.46 18.67
CA LYS C 19 7.30 6.37 20.13
C LYS C 19 6.01 5.77 20.67
N LEU C 20 4.86 6.23 20.15
CA LEU C 20 3.54 5.71 20.57
C LEU C 20 3.41 4.24 20.21
N LEU C 21 3.71 3.92 18.95
CA LEU C 21 3.61 2.54 18.47
C LEU C 21 4.37 1.59 19.37
N LYS C 22 5.60 1.96 19.70
CA LYS C 22 6.42 1.09 20.54
C LYS C 22 5.80 0.87 21.92
N SER C 23 4.88 1.74 22.33
CA SER C 23 4.24 1.64 23.64
C SER C 23 3.25 0.47 23.70
N VAL C 24 2.71 0.08 22.57
CA VAL C 24 1.77 -1.03 22.55
C VAL C 24 2.36 -2.19 21.77
N GLY C 25 3.63 -2.06 21.40
CA GLY C 25 4.22 -3.14 20.63
C GLY C 25 5.58 -2.85 20.03
N GLN C 27 7.48 -2.65 17.14
CA GLN C 27 8.87 -3.02 17.42
C GLN C 27 9.79 -2.76 16.21
N LYS C 28 9.21 -2.24 15.14
CA LYS C 28 10.01 -1.99 13.96
C LYS C 28 10.03 -0.59 13.33
N ASP C 29 10.78 -0.48 12.24
CA ASP C 29 10.93 0.80 11.55
C ASP C 29 10.00 0.97 10.37
N THR C 30 9.61 -0.12 9.73
CA THR C 30 8.72 -0.03 8.59
C THR C 30 7.51 -0.91 8.84
N TYR C 31 6.33 -0.34 8.60
CA TYR C 31 5.06 -1.01 8.81
C TYR C 31 4.13 -0.95 7.63
N THR C 32 3.04 -1.72 7.74
CA THR C 32 1.99 -1.70 6.74
C THR C 32 0.94 -0.83 7.44
N MET C 33 0.04 -0.22 6.69
CA MET C 33 -0.97 0.62 7.30
C MET C 33 -1.90 -0.21 8.23
N LYS C 34 -2.13 -1.47 7.89
CA LYS C 34 -2.96 -2.34 8.70
C LYS C 34 -2.33 -2.42 10.09
N GLU C 35 -1.01 -2.55 10.14
CA GLU C 35 -0.31 -2.63 11.42
C GLU C 35 -0.43 -1.31 12.19
N VAL C 36 -0.23 -0.21 11.49
CA VAL C 36 -0.32 1.08 12.13
C VAL C 36 -1.71 1.31 12.71
N LEU C 37 -2.74 1.00 11.93
CA LEU C 37 -4.11 1.16 12.40
C LEU C 37 -4.39 0.31 13.63
N PHE C 38 -3.89 -0.92 13.63
CA PHE C 38 -4.11 -1.81 14.77
C PHE C 38 -3.40 -1.34 16.04
N TYR C 39 -2.12 -1.00 15.92
CA TYR C 39 -1.38 -0.56 17.08
C TYR C 39 -1.97 0.73 17.66
N LEU C 40 -2.34 1.68 16.80
CA LEU C 40 -2.93 2.93 17.30
C LEU C 40 -4.27 2.62 17.97
N GLY C 41 -5.01 1.69 17.36
CA GLY C 41 -6.29 1.28 17.90
C GLY C 41 -6.14 0.69 19.30
N GLN C 42 -5.14 -0.18 19.49
CA GLN C 42 -4.85 -0.78 20.81
C GLN C 42 -4.51 0.35 21.77
N TYR C 43 -3.75 1.33 21.28
CA TYR C 43 -3.35 2.47 22.09
C TYR C 43 -4.60 3.19 22.60
N ILE C 44 -5.51 3.48 21.68
CA ILE C 44 -6.76 4.15 22.04
C ILE C 44 -7.57 3.38 23.07
N MET C 45 -7.77 2.09 22.88
CA MET C 45 -8.57 1.45 23.87
C MET C 45 -7.94 1.12 25.18
N THR C 46 -6.63 0.92 25.18
CA THR C 46 -6.01 0.64 26.45
C THR C 46 -6.05 1.95 27.25
N LYS C 47 -5.94 3.11 26.57
CA LYS C 47 -5.97 4.39 27.30
C LYS C 47 -7.40 4.85 27.50
N ARG C 48 -8.36 4.02 27.06
CA ARG C 48 -9.78 4.31 27.19
C ARG C 48 -10.15 5.71 26.70
N LEU C 49 -9.48 6.15 25.63
CA LEU C 49 -9.75 7.45 25.05
C LEU C 49 -11.02 7.22 24.23
N TYR C 50 -11.43 5.95 24.18
CA TYR C 50 -12.62 5.54 23.44
C TYR C 50 -13.55 4.60 24.24
N ASP C 51 -14.84 4.69 23.91
CA ASP C 51 -15.88 3.88 24.51
C ASP C 51 -17.17 4.19 23.76
N GLN C 55 -21.49 8.50 20.73
CA GLN C 55 -21.41 9.26 19.49
C GLN C 55 -20.09 8.96 18.76
N HIS C 56 -19.44 7.87 19.16
CA HIS C 56 -18.18 7.41 18.57
C HIS C 56 -17.11 8.47 18.37
N ILE C 57 -16.58 8.93 19.49
CA ILE C 57 -15.57 9.95 19.46
C ILE C 57 -14.33 9.55 20.27
N VAL C 58 -13.16 9.94 19.78
CA VAL C 58 -11.91 9.68 20.47
C VAL C 58 -11.47 11.01 21.05
N TYR C 59 -11.17 11.03 22.35
CA TYR C 59 -10.74 12.26 23.05
C TYR C 59 -9.25 12.19 23.30
N CYS C 60 -8.52 13.17 22.79
CA CYS C 60 -7.06 13.21 22.94
C CYS C 60 -6.49 14.59 23.26
N SER C 61 -7.29 15.45 23.88
CA SER C 61 -6.86 16.80 24.25
C SER C 61 -5.62 16.79 25.13
N ASN C 62 -5.55 15.80 26.04
CA ASN C 62 -4.44 15.66 26.97
C ASN C 62 -3.66 14.39 26.78
N ASP C 63 -3.32 14.08 25.55
CA ASP C 63 -2.59 12.84 25.33
C ASP C 63 -1.72 13.00 24.11
N LEU C 64 -0.67 12.18 24.03
CA LEU C 64 0.27 12.22 22.90
C LEU C 64 -0.45 12.28 21.55
N LEU C 65 -1.45 11.43 21.38
CA LEU C 65 -2.22 11.36 20.15
C LEU C 65 -2.73 12.74 19.76
N GLY C 66 -3.28 13.47 20.74
CA GLY C 66 -3.77 14.81 20.47
C GLY C 66 -2.67 15.64 19.83
N ASP C 67 -1.48 15.56 20.42
CA ASP C 67 -0.33 16.29 19.90
C ASP C 67 -0.08 15.87 18.45
N LEU C 68 0.05 14.58 18.23
CA LEU C 68 0.32 14.03 16.90
C LEU C 68 -0.71 14.40 15.83
N PHE C 69 -1.99 14.36 16.20
CA PHE C 69 -3.05 14.64 15.23
C PHE C 69 -3.41 16.10 15.03
N GLY C 70 -3.09 16.93 16.01
CA GLY C 70 -3.40 18.34 15.89
C GLY C 70 -4.82 18.66 16.30
N VAL C 71 -5.55 17.65 16.79
CA VAL C 71 -6.94 17.84 17.23
C VAL C 71 -7.11 17.38 18.67
N PRO C 72 -8.14 17.89 19.37
CA PRO C 72 -8.41 17.51 20.76
C PRO C 72 -9.33 16.28 20.82
N SER C 73 -9.96 15.96 19.68
CA SER C 73 -10.84 14.79 19.55
C SER C 73 -11.20 14.58 18.08
N PHE C 74 -11.84 13.46 17.75
CA PHE C 74 -12.24 13.16 16.38
C PHE C 74 -13.19 11.97 16.33
N SER C 75 -13.99 11.92 15.27
CA SER C 75 -14.94 10.83 15.10
C SER C 75 -14.28 9.66 14.39
N VAL C 76 -14.44 8.46 14.95
CA VAL C 76 -13.84 7.28 14.36
C VAL C 76 -14.46 6.86 13.03
N LYS C 77 -15.50 7.58 12.59
CA LYS C 77 -16.16 7.25 11.36
C LYS C 77 -15.55 8.02 10.21
N GLU C 78 -14.76 9.00 10.55
CA GLU C 78 -14.14 9.82 9.56
C GLU C 78 -12.80 9.25 9.18
N HIS C 79 -12.83 8.14 8.44
CA HIS C 79 -11.60 7.45 8.02
C HIS C 79 -10.65 8.20 7.09
N ARG C 80 -11.16 8.92 6.09
CA ARG C 80 -10.28 9.67 5.20
C ARG C 80 -9.55 10.75 6.02
N LYS C 81 -10.22 11.36 7.00
CA LYS C 81 -9.59 12.39 7.85
C LYS C 81 -8.57 11.73 8.76
N ILE C 82 -8.92 10.56 9.27
CA ILE C 82 -8.00 9.83 10.14
C ILE C 82 -6.74 9.47 9.35
N TYR C 83 -6.92 8.95 8.13
CA TYR C 83 -5.75 8.63 7.32
C TYR C 83 -4.88 9.87 7.06
N THR C 84 -5.53 10.99 6.84
CA THR C 84 -4.80 12.23 6.59
C THR C 84 -3.96 12.61 7.80
N MET C 85 -4.54 12.47 8.99
CA MET C 85 -3.84 12.84 10.22
C MET C 85 -2.68 11.89 10.45
N ILE C 86 -2.87 10.63 10.10
CA ILE C 86 -1.80 9.64 10.27
C ILE C 86 -0.64 9.88 9.29
N TYR C 87 -0.99 10.21 8.04
CA TYR C 87 0.03 10.46 7.02
C TYR C 87 0.99 11.60 7.34
N ARG C 88 0.52 12.54 8.13
CA ARG C 88 1.35 13.66 8.50
C ARG C 88 2.46 13.16 9.43
N ASN C 89 2.30 11.96 9.98
CA ASN C 89 3.28 11.40 10.90
C ASN C 89 4.09 10.22 10.38
N LEU C 90 4.20 10.10 9.06
CA LEU C 90 4.95 9.01 8.48
C LEU C 90 5.44 9.31 7.06
N VAL C 91 6.24 8.40 6.53
CA VAL C 91 6.78 8.54 5.18
C VAL C 91 6.47 7.23 4.45
N VAL C 92 5.84 7.31 3.29
CA VAL C 92 5.48 6.14 2.53
C VAL C 92 6.74 5.52 1.94
N VAL C 93 6.80 4.21 1.95
CA VAL C 93 7.93 3.48 1.41
C VAL C 93 7.60 3.05 0.00
CL1 1MT D . -14.29 13.14 -9.86
C1 1MT D . -14.56 12.66 -8.21
C2 1MT D . -14.16 13.60 -7.22
C3 1MT D . -15.09 11.42 -7.80
C4 1MT D . -15.19 11.13 -6.41
C5 1MT D . -14.77 12.09 -5.47
C6 1MT D . -14.25 13.35 -5.83
C7 1MT D . -13.72 14.36 -4.79
C8 1MT D . -14.53 14.47 -3.48
C9 1MT D . -12.25 15.01 -2.93
C10 1MT D . -11.17 14.94 -1.87
C11 1MT D . -10.74 16.32 -1.28
C12 1MT D . -9.31 16.19 -0.66
C13 1MT D . -10.53 17.36 -2.37
C14 1MT D . -11.75 16.86 -0.28
C15 1MT D . -15.66 15.51 -3.66
O1 1MT D . -16.35 15.57 -4.67
N1 1MT D . -15.84 16.35 -2.59
C17 1MT D . -17.15 17.04 -2.55
C18 1MT D . -12.22 14.20 -4.35
C19 1MT D . -11.19 14.55 -5.42
C20 1MT D . -11.01 15.78 -6.10
C21 1MT D . -9.99 15.87 -7.06
C22 1MT D . -9.19 14.74 -7.32
CL2 1MT D . -7.91 14.76 -8.41
C23 1MT D . -9.37 13.53 -6.64
C24 1MT D . -10.40 13.48 -5.70
N2 1MT D . -10.74 12.44 -4.96
C25 1MT D . -11.78 12.73 -4.19
O2 1MT D . -12.36 11.99 -3.42
F1 1MT D . -13.71 14.80 -7.61
C16 1MT D . -18.01 16.58 -1.37
N3 1MT D . -18.91 15.43 -1.57
N4 1MT D . -13.57 14.82 -2.45
CL1 1MT E . 9.75 -21.74 3.03
C1 1MT E . 8.05 -21.99 3.20
C2 1MT E . 7.40 -22.99 2.44
C3 1MT E . 7.29 -21.17 4.04
C4 1MT E . 5.88 -21.38 4.11
C5 1MT E . 5.26 -22.38 3.32
C6 1MT E . 6.00 -23.22 2.46
C7 1MT E . 5.34 -24.25 1.56
C8 1MT E . 4.18 -25.05 2.21
C9 1MT E . 3.73 -24.95 -0.17
C10 1MT E . 2.61 -24.91 -1.21
C11 1MT E . 2.49 -26.19 -2.09
C12 1MT E . 1.87 -25.81 -3.45
C13 1MT E . 3.86 -26.81 -2.47
C14 1MT E . 1.66 -27.26 -1.37
C15 1MT E . 4.70 -26.28 2.96
O1 1MT E . 5.63 -26.22 3.75
N1 1MT E . 4.04 -27.47 2.69
C17 1MT E . 4.29 -28.51 3.70
C18 1MT E . 4.78 -23.76 0.16
C19 1MT E . 5.88 -23.43 -0.82
C20 1MT E . 6.91 -24.24 -1.34
C21 1MT E . 7.82 -23.67 -2.27
C22 1MT E . 7.65 -22.31 -2.64
CL2 1MT E . 8.61 -21.61 -3.77
C23 1MT E . 6.65 -21.52 -2.14
C24 1MT E . 5.78 -22.11 -1.22
N2 1MT E . 4.75 -21.51 -0.62
C25 1MT E . 4.14 -22.34 0.21
O2 1MT E . 3.19 -22.06 0.93
F1 1MT E . 8.11 -23.80 1.67
C16 1MT E . 3.02 -28.91 4.44
N3 1MT E . 3.03 -28.50 5.84
N4 1MT E . 3.28 -25.34 1.11
CL1 1MT F . -9.07 5.01 9.16
C1 1MT F . -9.50 3.47 9.87
C2 1MT F . -10.09 3.47 11.13
C3 1MT F . -9.21 2.26 9.23
C4 1MT F . -9.49 1.05 9.89
C5 1MT F . -10.08 1.07 11.18
C6 1MT F . -10.39 2.28 11.85
C7 1MT F . -10.97 2.33 13.28
C8 1MT F . -12.06 1.27 13.58
C9 1MT F . -10.93 1.77 15.67
C10 1MT F . -10.49 1.17 17.02
C11 1MT F . -11.25 1.74 18.26
C12 1MT F . -10.29 1.76 19.46
C13 1MT F . -11.71 3.21 18.11
C14 1MT F . -12.52 0.95 18.59
C15 1MT F . -13.45 1.79 13.20
O1 1MT F . -13.68 2.17 12.05
N1 1MT F . -14.39 1.80 14.16
C17 1MT F . -15.75 1.83 13.69
C18 1MT F . -9.96 2.27 14.47
C19 1MT F . -9.11 3.50 14.63
C20 1MT F . -9.52 4.83 14.87
C21 1MT F . -8.54 5.82 14.99
C22 1MT F . -7.18 5.45 14.87
CL2 1MT F . -5.94 6.59 15.04
C23 1MT F . -6.77 4.14 14.64
C24 1MT F . -7.78 3.19 14.53
N2 1MT F . -7.62 1.90 14.32
C25 1MT F . -8.79 1.29 14.20
O2 1MT F . -9.01 0.12 13.94
F1 1MT F . -10.42 4.66 11.68
C16 1MT F . -16.44 0.46 13.64
N3 1MT F . -16.80 0.08 12.27
N4 1MT F . -11.87 0.95 14.97
#